data_8VB3
#
_entry.id   8VB3
#
_cell.length_a   40.143
_cell.length_b   87.835
_cell.length_c   71.415
_cell.angle_alpha   90.000
_cell.angle_beta   99.170
_cell.angle_gamma   90.000
#
_symmetry.space_group_name_H-M   'P 1 21 1'
#
loop_
_entity.id
_entity.type
_entity.pdbx_description
1 polymer 'Dienelactone hydrolase'
2 non-polymer (4S)-2-METHYL-2,4-PENTANEDIOL
3 non-polymer 'SODIUM ION'
4 water water
#
_entity_poly.entity_id   1
_entity_poly.type   'polypeptide(L)'
_entity_poly.pdbx_seq_one_letter_code
;MASWSHPQFEKGAMHQQPIETTENGQRHIHQFFLDETLQGPRPGVLVFPEAFGLGDHALQRARRLAELGYAALAVDIHGE
GREFQDLAQVRPAILALFGDRAAWRARLQAAHELLRAQPQVDAARTAAIGF(CSD)FGGACSLELARSGAPLSAIVTFHA
GLQPPLEADAGKIKAKVLVCHGAEDPLMKPEPLAAILAELTRDKVDWQLLSHGNVVHSFTNPDADARGAPGFAYNAGADR
RSWAAMQGLFAEVFA
;
_entity_poly.pdbx_strand_id   A,B
#
# COMPACT_ATOMS: atom_id res chain seq x y z
N LYS A 11 -27.92 -7.47 6.39
CA LYS A 11 -27.65 -6.05 6.09
C LYS A 11 -27.41 -5.23 7.37
N GLY A 12 -27.58 -5.86 8.53
CA GLY A 12 -27.34 -5.13 9.77
C GLY A 12 -28.32 -3.98 9.94
N ALA A 13 -27.80 -2.82 10.32
CA ALA A 13 -28.61 -1.61 10.45
C ALA A 13 -28.66 -0.76 9.17
N MET A 14 -28.09 -1.24 8.06
CA MET A 14 -28.12 -0.45 6.83
C MET A 14 -29.40 -0.74 6.07
N HIS A 15 -29.91 0.27 5.38
CA HIS A 15 -31.02 0.04 4.49
C HIS A 15 -30.51 -0.57 3.20
N GLN A 16 -31.16 -1.60 2.71
CA GLN A 16 -30.85 -2.24 1.43
C GLN A 16 -32.05 -2.17 0.51
N GLN A 17 -31.87 -1.57 -0.65
CA GLN A 17 -32.95 -1.37 -1.62
C GLN A 17 -32.55 -2.05 -2.91
N PRO A 18 -33.33 -2.99 -3.46
CA PRO A 18 -33.07 -3.44 -4.83
C PRO A 18 -33.41 -2.34 -5.80
N ILE A 19 -32.56 -2.21 -6.82
CA ILE A 19 -32.82 -1.31 -7.95
C ILE A 19 -32.70 -2.11 -9.23
N GLU A 20 -33.79 -2.16 -9.99
CA GLU A 20 -33.82 -3.09 -11.12
C GLU A 20 -33.64 -2.29 -12.40
N THR A 21 -32.84 -2.84 -13.31
CA THR A 21 -32.79 -2.34 -14.68
C THR A 21 -33.13 -3.46 -15.64
N THR A 22 -33.49 -3.09 -16.87
CA THR A 22 -33.64 -4.04 -17.95
C THR A 22 -32.55 -3.78 -18.96
N GLU A 23 -31.65 -4.77 -19.16
CA GLU A 23 -30.49 -4.65 -20.05
C GLU A 23 -30.41 -5.91 -20.92
N ASN A 24 -30.47 -5.72 -22.25
CA ASN A 24 -30.42 -6.83 -23.20
C ASN A 24 -31.48 -7.87 -22.91
N GLY A 25 -32.68 -7.42 -22.56
CA GLY A 25 -33.73 -8.38 -22.30
C GLY A 25 -33.72 -9.07 -20.96
N GLN A 26 -32.83 -8.69 -20.05
CA GLN A 26 -32.80 -9.38 -18.77
C GLN A 26 -33.00 -8.38 -17.66
N ARG A 27 -33.54 -8.85 -16.55
N ARG A 27 -33.69 -8.82 -16.62
CA ARG A 27 -33.79 -8.03 -15.38
CA ARG A 27 -33.77 -8.06 -15.39
C ARG A 27 -32.59 -8.12 -14.45
C ARG A 27 -32.44 -8.17 -14.67
N HIS A 28 -31.85 -7.02 -14.32
CA HIS A 28 -30.72 -6.97 -13.42
C HIS A 28 -31.22 -6.38 -12.12
N ILE A 29 -30.83 -6.96 -11.00
CA ILE A 29 -31.32 -6.53 -9.70
C ILE A 29 -30.12 -6.10 -8.89
N HIS A 30 -29.80 -4.81 -9.04
CA HIS A 30 -28.70 -4.22 -8.27
C HIS A 30 -29.15 -3.99 -6.82
N GLN A 31 -28.18 -3.90 -5.87
CA GLN A 31 -28.54 -3.77 -4.48
C GLN A 31 -27.89 -2.51 -3.90
N PHE A 32 -28.70 -1.57 -3.46
CA PHE A 32 -28.24 -0.24 -3.04
C PHE A 32 -28.27 -0.17 -1.52
N PHE A 33 -27.14 0.24 -0.92
CA PHE A 33 -27.04 0.28 0.53
C PHE A 33 -26.75 1.68 1.03
N LEU A 34 -27.45 2.07 2.11
N LEU A 34 -27.39 2.05 2.15
CA LEU A 34 -27.32 3.39 2.73
CA LEU A 34 -27.24 3.39 2.68
C LEU A 34 -27.46 3.28 4.22
C LEU A 34 -27.55 3.39 4.17
N ASP A 35 -26.77 4.16 4.95
CA ASP A 35 -26.99 4.32 6.40
C ASP A 35 -27.99 5.47 6.55
N GLU A 36 -29.24 5.16 6.89
CA GLU A 36 -30.23 6.23 7.04
C GLU A 36 -30.09 7.01 8.34
N THR A 37 -29.13 6.68 9.20
CA THR A 37 -28.90 7.55 10.34
C THR A 37 -28.08 8.77 9.93
N LEU A 38 -27.51 8.73 8.74
CA LEU A 38 -26.87 9.89 8.14
C LEU A 38 -27.85 10.49 7.14
N GLN A 39 -28.07 11.80 7.23
CA GLN A 39 -29.00 12.45 6.34
C GLN A 39 -28.25 13.07 5.16
N GLY A 40 -28.91 13.16 4.04
CA GLY A 40 -28.44 13.92 2.90
C GLY A 40 -27.69 13.16 1.81
N PRO A 41 -27.41 13.85 0.71
CA PRO A 41 -26.56 13.26 -0.33
C PRO A 41 -25.14 13.02 0.18
N ARG A 42 -24.53 11.96 -0.32
CA ARG A 42 -23.20 11.56 0.11
C ARG A 42 -22.49 10.94 -1.08
N PRO A 43 -21.18 10.65 -0.95
CA PRO A 43 -20.49 10.05 -2.10
C PRO A 43 -21.05 8.66 -2.45
N GLY A 44 -21.13 8.38 -3.73
CA GLY A 44 -21.65 7.09 -4.23
C GLY A 44 -20.48 6.20 -4.63
N VAL A 45 -20.58 4.89 -4.38
CA VAL A 45 -19.55 3.93 -4.77
C VAL A 45 -20.20 2.77 -5.51
N LEU A 46 -19.77 2.53 -6.71
CA LEU A 46 -20.13 1.29 -7.42
C LEU A 46 -19.30 0.14 -6.88
N VAL A 47 -19.94 -1.02 -6.66
CA VAL A 47 -19.21 -2.21 -6.17
C VAL A 47 -19.41 -3.30 -7.19
N PHE A 48 -18.40 -3.62 -7.95
CA PHE A 48 -18.43 -4.68 -8.95
C PHE A 48 -17.91 -5.98 -8.43
N PRO A 49 -18.69 -7.07 -8.51
CA PRO A 49 -18.29 -8.37 -7.96
C PRO A 49 -17.31 -9.12 -8.86
N GLU A 50 -16.80 -10.23 -8.33
CA GLU A 50 -15.99 -11.13 -9.15
C GLU A 50 -16.79 -11.67 -10.31
N ALA A 51 -16.10 -12.37 -11.21
CA ALA A 51 -16.77 -12.90 -12.40
C ALA A 51 -17.88 -13.90 -12.10
N PHE A 52 -17.86 -14.54 -10.95
CA PHE A 52 -18.95 -15.48 -10.65
C PHE A 52 -20.29 -14.78 -10.55
N GLY A 53 -20.35 -13.52 -10.16
CA GLY A 53 -21.60 -12.74 -10.11
C GLY A 53 -21.82 -12.14 -8.73
N LEU A 54 -22.91 -11.41 -8.60
CA LEU A 54 -23.27 -10.71 -7.37
C LEU A 54 -23.75 -11.69 -6.31
N GLY A 55 -23.03 -11.73 -5.20
CA GLY A 55 -23.37 -12.60 -4.09
C GLY A 55 -22.94 -12.00 -2.76
N ASP A 56 -22.87 -12.83 -1.71
CA ASP A 56 -22.68 -12.30 -0.39
C ASP A 56 -21.37 -11.53 -0.27
N HIS A 57 -20.31 -11.96 -0.97
CA HIS A 57 -19.02 -11.27 -0.86
C HIS A 57 -19.15 -9.79 -1.23
N ALA A 58 -19.69 -9.49 -2.40
CA ALA A 58 -19.82 -8.09 -2.77
C ALA A 58 -20.92 -7.37 -1.99
N LEU A 59 -22.02 -8.03 -1.63
CA LEU A 59 -23.01 -7.37 -0.80
C LEU A 59 -22.47 -6.95 0.55
N GLN A 60 -21.65 -7.78 1.17
CA GLN A 60 -21.03 -7.36 2.44
C GLN A 60 -20.11 -6.17 2.28
N ARG A 61 -19.40 -6.10 1.16
CA ARG A 61 -18.54 -4.93 0.96
C ARG A 61 -19.39 -3.66 0.74
N ALA A 62 -20.48 -3.75 -0.03
CA ALA A 62 -21.36 -2.60 -0.16
C ALA A 62 -21.97 -2.21 1.19
N ARG A 63 -22.37 -3.18 2.00
CA ARG A 63 -22.91 -2.86 3.32
C ARG A 63 -21.87 -2.14 4.18
N ARG A 64 -20.61 -2.60 4.18
CA ARG A 64 -19.60 -1.91 4.96
C ARG A 64 -19.35 -0.48 4.46
N LEU A 65 -19.36 -0.27 3.15
CA LEU A 65 -19.22 1.09 2.62
C LEU A 65 -20.36 1.99 3.10
N ALA A 66 -21.58 1.44 3.20
CA ALA A 66 -22.68 2.22 3.74
C ALA A 66 -22.45 2.58 5.20
N GLU A 67 -21.93 1.63 5.98
CA GLU A 67 -21.59 1.91 7.38
C GLU A 67 -20.53 3.02 7.51
N LEU A 68 -19.62 3.12 6.55
CA LEU A 68 -18.59 4.15 6.54
C LEU A 68 -19.11 5.51 6.07
N GLY A 69 -20.37 5.60 5.64
CA GLY A 69 -20.96 6.87 5.22
C GLY A 69 -21.16 7.03 3.73
N TYR A 70 -20.98 5.98 2.93
CA TYR A 70 -21.17 6.11 1.48
C TYR A 70 -22.51 5.52 1.03
N ALA A 71 -22.90 5.82 -0.20
CA ALA A 71 -24.09 5.19 -0.80
C ALA A 71 -23.57 4.17 -1.81
N ALA A 72 -23.74 2.86 -1.54
CA ALA A 72 -23.00 1.84 -2.29
C ALA A 72 -23.95 1.02 -3.13
N LEU A 73 -23.66 0.89 -4.42
CA LEU A 73 -24.50 0.11 -5.33
C LEU A 73 -23.74 -1.14 -5.75
N ALA A 74 -24.17 -2.30 -5.22
CA ALA A 74 -23.60 -3.59 -5.61
C ALA A 74 -24.21 -4.01 -6.95
N VAL A 75 -23.36 -4.20 -7.95
CA VAL A 75 -23.78 -4.41 -9.34
C VAL A 75 -24.09 -5.87 -9.64
N ASP A 76 -25.31 -6.12 -10.14
CA ASP A 76 -25.71 -7.45 -10.63
C ASP A 76 -25.19 -7.62 -12.05
N ILE A 77 -24.03 -8.26 -12.22
CA ILE A 77 -23.40 -8.31 -13.55
C ILE A 77 -24.05 -9.32 -14.50
N HIS A 78 -24.66 -10.37 -14.01
CA HIS A 78 -25.20 -11.40 -14.90
C HIS A 78 -26.71 -11.37 -15.07
N GLY A 79 -27.43 -10.62 -14.24
CA GLY A 79 -28.88 -10.61 -14.36
C GLY A 79 -29.53 -11.56 -13.37
N GLU A 80 -30.71 -11.17 -12.91
CA GLU A 80 -31.52 -12.02 -12.01
C GLU A 80 -30.78 -12.38 -10.73
N GLY A 81 -29.84 -11.52 -10.28
CA GLY A 81 -28.98 -11.89 -9.17
C GLY A 81 -28.13 -13.14 -9.33
N ARG A 82 -27.84 -13.59 -10.55
CA ARG A 82 -27.22 -14.91 -10.76
C ARG A 82 -25.75 -14.93 -10.33
N GLU A 83 -25.37 -16.00 -9.66
CA GLU A 83 -24.00 -16.26 -9.28
C GLU A 83 -23.65 -17.68 -9.71
N PHE A 84 -22.58 -17.83 -10.46
CA PHE A 84 -22.12 -19.11 -10.96
C PHE A 84 -21.11 -19.72 -10.01
N GLN A 85 -21.02 -21.05 -10.05
CA GLN A 85 -20.00 -21.77 -9.37
C GLN A 85 -18.76 -21.98 -10.24
N ASP A 86 -18.96 -22.30 -11.53
CA ASP A 86 -17.91 -22.81 -12.41
C ASP A 86 -17.48 -21.69 -13.36
N LEU A 87 -16.19 -21.34 -13.34
CA LEU A 87 -15.70 -20.29 -14.21
C LEU A 87 -15.88 -20.62 -15.70
N ALA A 88 -15.92 -21.90 -16.07
CA ALA A 88 -16.17 -22.28 -17.45
C ALA A 88 -17.52 -21.78 -17.97
N GLN A 89 -18.52 -21.65 -17.10
CA GLN A 89 -19.81 -21.12 -17.52
C GLN A 89 -19.82 -19.62 -17.76
N VAL A 90 -18.98 -18.84 -17.06
CA VAL A 90 -19.00 -17.39 -17.22
C VAL A 90 -18.00 -16.93 -18.29
N ARG A 91 -17.07 -17.79 -18.67
CA ARG A 91 -16.01 -17.42 -19.60
C ARG A 91 -16.53 -16.90 -20.93
N PRO A 92 -17.57 -17.46 -21.54
CA PRO A 92 -18.03 -16.90 -22.83
C PRO A 92 -18.55 -15.48 -22.76
N ALA A 93 -19.40 -15.18 -21.77
CA ALA A 93 -19.94 -13.84 -21.65
C ALA A 93 -18.83 -12.85 -21.35
N ILE A 94 -17.85 -13.26 -20.53
CA ILE A 94 -16.77 -12.34 -20.19
C ILE A 94 -15.85 -12.07 -21.38
N LEU A 95 -15.45 -13.13 -22.08
CA LEU A 95 -14.66 -12.94 -23.29
C LEU A 95 -15.39 -12.08 -24.33
N ALA A 96 -16.73 -12.14 -24.35
CA ALA A 96 -17.48 -11.27 -25.26
C ALA A 96 -17.35 -9.80 -24.87
N LEU A 97 -17.41 -9.51 -23.58
CA LEU A 97 -17.18 -8.14 -23.12
C LEU A 97 -15.76 -7.71 -23.45
N PHE A 98 -14.78 -8.58 -23.21
CA PHE A 98 -13.38 -8.27 -23.51
C PHE A 98 -13.18 -7.98 -24.99
N GLY A 99 -13.97 -8.60 -25.86
CA GLY A 99 -13.89 -8.41 -27.29
C GLY A 99 -14.70 -7.25 -27.84
N ASP A 100 -15.51 -6.57 -27.02
CA ASP A 100 -16.25 -5.35 -27.41
C ASP A 100 -16.20 -4.39 -26.23
N ARG A 101 -15.03 -3.79 -26.04
CA ARG A 101 -14.87 -2.92 -24.88
C ARG A 101 -15.73 -1.67 -24.98
N ALA A 102 -16.10 -1.23 -26.21
CA ALA A 102 -16.99 -0.09 -26.30
C ALA A 102 -18.37 -0.41 -25.74
N ALA A 103 -18.93 -1.57 -26.07
CA ALA A 103 -20.26 -1.92 -25.53
C ALA A 103 -20.21 -2.14 -24.03
N TRP A 104 -19.16 -2.83 -23.55
CA TRP A 104 -18.94 -3.05 -22.12
C TRP A 104 -18.89 -1.72 -21.38
N ARG A 105 -18.12 -0.77 -21.90
CA ARG A 105 -18.07 0.56 -21.30
C ARG A 105 -19.40 1.29 -21.31
N ALA A 106 -20.20 1.16 -22.41
CA ALA A 106 -21.50 1.82 -22.42
C ALA A 106 -22.41 1.25 -21.31
N ARG A 107 -22.31 -0.05 -21.05
CA ARG A 107 -23.12 -0.62 -19.98
C ARG A 107 -22.60 -0.16 -18.61
N LEU A 108 -21.28 -0.05 -18.47
CA LEU A 108 -20.72 0.44 -17.21
C LEU A 108 -21.07 1.89 -16.96
N GLN A 109 -21.10 2.69 -18.03
CA GLN A 109 -21.49 4.08 -17.89
C GLN A 109 -22.94 4.18 -17.45
N ALA A 110 -23.82 3.29 -17.97
CA ALA A 110 -25.19 3.36 -17.56
C ALA A 110 -25.35 3.00 -16.09
N ALA A 111 -24.54 2.05 -15.58
CA ALA A 111 -24.54 1.73 -14.16
C ALA A 111 -24.07 2.94 -13.33
N HIS A 112 -23.03 3.63 -13.79
CA HIS A 112 -22.59 4.84 -13.10
C HIS A 112 -23.69 5.90 -13.06
N GLU A 113 -24.40 6.11 -14.18
CA GLU A 113 -25.49 7.08 -14.20
C GLU A 113 -26.66 6.67 -13.30
N LEU A 114 -26.92 5.38 -13.19
CA LEU A 114 -27.93 4.89 -12.25
C LEU A 114 -27.55 5.24 -10.80
N LEU A 115 -26.29 5.06 -10.43
CA LEU A 115 -25.89 5.42 -9.09
C LEU A 115 -26.03 6.93 -8.86
N ARG A 116 -25.54 7.72 -9.81
CA ARG A 116 -25.56 9.18 -9.67
C ARG A 116 -26.97 9.75 -9.57
N ALA A 117 -27.95 9.10 -10.19
CA ALA A 117 -29.34 9.59 -10.24
C ALA A 117 -30.05 9.32 -8.91
N GLN A 118 -29.52 8.47 -8.04
CA GLN A 118 -30.20 8.25 -6.76
C GLN A 118 -30.14 9.54 -5.95
N PRO A 119 -31.21 9.89 -5.23
CA PRO A 119 -31.20 11.20 -4.56
C PRO A 119 -30.22 11.31 -3.42
N GLN A 120 -29.86 10.18 -2.78
CA GLN A 120 -28.90 10.13 -1.67
C GLN A 120 -27.45 10.10 -2.12
N VAL A 121 -27.20 10.07 -3.43
CA VAL A 121 -25.87 10.12 -4.03
C VAL A 121 -25.61 11.55 -4.49
N ASP A 122 -24.49 12.14 -4.07
CA ASP A 122 -23.97 13.37 -4.68
C ASP A 122 -23.36 13.03 -6.04
N ALA A 123 -24.06 13.41 -7.13
CA ALA A 123 -23.66 12.97 -8.46
C ALA A 123 -22.25 13.44 -8.82
N ALA A 124 -21.72 14.43 -8.11
CA ALA A 124 -20.41 14.95 -8.41
C ALA A 124 -19.29 14.15 -7.75
N ARG A 125 -19.62 13.34 -6.74
CA ARG A 125 -18.62 12.68 -5.89
C ARG A 125 -18.89 11.16 -5.92
N THR A 126 -18.21 10.47 -6.82
CA THR A 126 -18.37 9.03 -6.91
C THR A 126 -17.04 8.30 -7.05
N ALA A 127 -17.13 6.98 -6.84
CA ALA A 127 -15.98 6.11 -6.94
C ALA A 127 -16.48 4.75 -7.42
N ALA A 128 -15.55 3.89 -7.75
CA ALA A 128 -15.86 2.49 -8.08
C ALA A 128 -14.80 1.55 -7.56
N ILE A 129 -15.24 0.45 -6.97
CA ILE A 129 -14.33 -0.61 -6.54
C ILE A 129 -14.76 -1.86 -7.28
N GLY A 130 -13.85 -2.80 -7.35
CA GLY A 130 -14.19 -4.08 -7.93
C GLY A 130 -13.17 -5.16 -7.63
N PHE A 131 -13.68 -6.40 -7.58
CA PHE A 131 -12.93 -7.57 -7.18
C PHE A 131 -12.80 -8.43 -8.43
N CYS A 132 -11.59 -8.90 -8.73
CA CYS A 132 -11.32 -9.71 -9.92
C CYS A 132 -11.91 -9.01 -11.15
N PHE A 133 -12.81 -9.69 -11.89
CA PHE A 133 -13.39 -9.08 -13.09
C PHE A 133 -14.02 -7.73 -12.78
N GLY A 134 -14.55 -7.57 -11.59
CA GLY A 134 -15.12 -6.27 -11.27
C GLY A 134 -14.07 -5.17 -11.17
N GLY A 135 -12.83 -5.52 -10.81
CA GLY A 135 -11.77 -4.53 -10.88
C GLY A 135 -11.41 -4.13 -12.29
N ALA A 136 -11.47 -5.10 -13.23
CA ALA A 136 -11.37 -4.73 -14.64
C ALA A 136 -12.50 -3.79 -15.04
N CYS A 137 -13.73 -4.05 -14.59
CA CYS A 137 -14.84 -3.12 -14.88
C CYS A 137 -14.56 -1.71 -14.39
N SER A 138 -14.03 -1.61 -13.16
CA SER A 138 -13.78 -0.29 -12.58
C SER A 138 -12.75 0.48 -13.42
N LEU A 139 -11.71 -0.21 -13.89
CA LEU A 139 -10.69 0.44 -14.71
C LEU A 139 -11.25 0.79 -16.09
N GLU A 140 -12.11 -0.06 -16.69
CA GLU A 140 -12.71 0.32 -17.96
C GLU A 140 -13.59 1.54 -17.82
N LEU A 141 -14.32 1.64 -16.72
CA LEU A 141 -15.17 2.81 -16.52
C LEU A 141 -14.29 4.07 -16.37
N ALA A 142 -13.18 3.95 -15.65
CA ALA A 142 -12.27 5.11 -15.55
C ALA A 142 -11.68 5.47 -16.90
N ARG A 143 -11.26 4.46 -17.69
CA ARG A 143 -10.67 4.72 -19.01
C ARG A 143 -11.67 5.35 -19.97
N SER A 144 -12.96 5.17 -19.72
CA SER A 144 -14.01 5.76 -20.56
C SER A 144 -14.13 7.27 -20.35
N GLY A 145 -13.49 7.80 -19.31
CA GLY A 145 -13.51 9.22 -19.01
C GLY A 145 -14.59 9.59 -18.04
N ALA A 146 -15.21 8.62 -17.38
CA ALA A 146 -16.24 8.98 -16.43
C ALA A 146 -15.70 9.80 -15.26
N PRO A 147 -16.52 10.66 -14.69
CA PRO A 147 -16.06 11.61 -13.67
C PRO A 147 -16.01 10.95 -12.30
N LEU A 148 -15.32 9.82 -12.22
CA LEU A 148 -15.02 9.19 -10.92
C LEU A 148 -13.89 9.92 -10.20
N SER A 149 -14.03 10.07 -8.87
CA SER A 149 -12.94 10.64 -8.07
C SER A 149 -11.85 9.61 -7.77
N ALA A 150 -12.20 8.33 -7.69
CA ALA A 150 -11.25 7.28 -7.33
C ALA A 150 -11.76 5.95 -7.81
N ILE A 151 -10.83 5.06 -8.10
CA ILE A 151 -11.17 3.63 -8.26
C ILE A 151 -10.16 2.82 -7.47
N VAL A 152 -10.65 1.69 -6.95
CA VAL A 152 -9.79 0.72 -6.27
C VAL A 152 -10.06 -0.67 -6.83
N THR A 153 -9.02 -1.36 -7.28
CA THR A 153 -9.18 -2.74 -7.80
C THR A 153 -8.55 -3.71 -6.83
N PHE A 154 -9.19 -4.86 -6.63
CA PHE A 154 -8.69 -5.90 -5.73
C PHE A 154 -8.48 -7.13 -6.59
N HIS A 155 -7.28 -7.69 -6.57
CA HIS A 155 -6.92 -8.89 -7.33
C HIS A 155 -7.61 -9.02 -8.67
N ALA A 156 -7.40 -8.00 -9.48
CA ALA A 156 -8.11 -7.87 -10.73
C ALA A 156 -7.23 -8.23 -11.93
N GLY A 157 -7.80 -8.97 -12.89
CA GLY A 157 -7.17 -9.16 -14.18
C GLY A 157 -7.53 -7.99 -15.08
N LEU A 158 -6.72 -6.96 -15.00
CA LEU A 158 -6.99 -5.70 -15.72
C LEU A 158 -6.70 -5.87 -17.19
N GLN A 159 -7.50 -5.18 -18.04
CA GLN A 159 -7.32 -5.34 -19.45
C GLN A 159 -6.22 -4.42 -19.99
N PRO A 160 -5.63 -4.76 -21.13
CA PRO A 160 -4.46 -3.99 -21.62
C PRO A 160 -4.84 -2.59 -22.09
N PRO A 161 -3.89 -1.68 -22.05
CA PRO A 161 -4.17 -0.29 -22.46
C PRO A 161 -4.50 -0.14 -23.95
N LEU A 162 -5.35 0.86 -24.24
CA LEU A 162 -5.68 1.28 -25.61
C LEU A 162 -5.20 2.72 -25.77
N GLU A 163 -4.49 2.98 -26.87
CA GLU A 163 -4.01 4.35 -27.12
C GLU A 163 -5.14 5.38 -27.16
N ALA A 164 -6.32 5.00 -27.69
CA ALA A 164 -7.47 5.92 -27.71
C ALA A 164 -7.89 6.41 -26.34
N ASP A 165 -7.49 5.75 -25.26
CA ASP A 165 -7.86 6.18 -23.91
C ASP A 165 -6.82 7.13 -23.31
N ALA A 166 -5.83 7.51 -24.07
CA ALA A 166 -4.77 8.32 -23.46
C ALA A 166 -5.35 9.60 -22.85
N GLY A 167 -4.95 9.88 -21.60
CA GLY A 167 -5.41 11.10 -20.97
C GLY A 167 -6.83 11.13 -20.47
N LYS A 168 -7.53 10.01 -20.53
CA LYS A 168 -8.94 10.03 -20.21
C LYS A 168 -9.26 9.79 -18.73
N ILE A 169 -8.38 9.15 -17.97
CA ILE A 169 -8.71 8.80 -16.59
C ILE A 169 -8.76 10.07 -15.76
N LYS A 170 -9.87 10.31 -15.08
CA LYS A 170 -10.01 11.41 -14.14
C LYS A 170 -9.76 11.00 -12.69
N ALA A 171 -9.92 9.73 -12.39
CA ALA A 171 -9.87 9.21 -11.03
C ALA A 171 -8.43 9.09 -10.54
N LYS A 172 -8.29 9.12 -9.21
CA LYS A 172 -7.13 8.51 -8.55
C LYS A 172 -7.30 6.99 -8.58
N VAL A 173 -6.19 6.29 -8.69
CA VAL A 173 -6.21 4.82 -8.90
C VAL A 173 -5.39 4.08 -7.85
N LEU A 174 -5.98 3.09 -7.19
CA LEU A 174 -5.25 2.19 -6.28
C LEU A 174 -5.45 0.78 -6.79
N VAL A 175 -4.36 0.06 -7.06
CA VAL A 175 -4.43 -1.34 -7.49
C VAL A 175 -3.88 -2.16 -6.35
N CYS A 176 -4.71 -3.03 -5.79
CA CYS A 176 -4.33 -3.92 -4.71
C CYS A 176 -4.14 -5.30 -5.33
N HIS A 177 -2.98 -5.88 -5.24
CA HIS A 177 -2.55 -6.96 -6.10
C HIS A 177 -1.89 -8.04 -5.27
N GLY A 178 -2.16 -9.31 -5.56
CA GLY A 178 -1.36 -10.40 -5.01
C GLY A 178 -0.14 -10.62 -5.87
N ALA A 179 1.04 -10.55 -5.24
CA ALA A 179 2.28 -10.59 -6.02
C ALA A 179 2.43 -11.89 -6.82
N GLU A 180 1.78 -12.98 -6.43
N GLU A 180 1.76 -12.97 -6.39
CA GLU A 180 1.85 -14.23 -7.19
CA GLU A 180 1.82 -14.27 -7.04
C GLU A 180 0.53 -14.61 -7.82
C GLU A 180 0.63 -14.56 -7.94
N ASP A 181 -0.30 -13.62 -8.09
CA ASP A 181 -1.56 -13.85 -8.81
C ASP A 181 -1.28 -14.27 -10.24
N PRO A 182 -1.68 -15.48 -10.66
CA PRO A 182 -1.43 -15.87 -12.04
C PRO A 182 -2.37 -15.24 -13.05
N LEU A 183 -3.42 -14.55 -12.62
CA LEU A 183 -4.35 -13.90 -13.56
C LEU A 183 -3.98 -12.45 -13.83
N MET A 184 -2.88 -11.99 -13.29
CA MET A 184 -2.41 -10.63 -13.51
C MET A 184 -0.87 -10.69 -13.44
N LYS A 185 -0.24 -11.05 -14.57
CA LYS A 185 1.20 -11.27 -14.57
C LYS A 185 1.98 -9.96 -14.61
N PRO A 186 3.28 -10.01 -14.28
CA PRO A 186 4.06 -8.77 -14.10
C PRO A 186 4.22 -7.96 -15.38
N GLU A 187 4.42 -8.59 -16.54
CA GLU A 187 4.55 -7.80 -17.76
C GLU A 187 3.28 -7.03 -18.14
N PRO A 188 2.08 -7.65 -18.25
CA PRO A 188 0.86 -6.86 -18.52
C PRO A 188 0.56 -5.84 -17.43
N LEU A 189 0.81 -6.14 -16.16
CA LEU A 189 0.62 -5.15 -15.11
C LEU A 189 1.55 -3.95 -15.36
N ALA A 190 2.81 -4.20 -15.70
CA ALA A 190 3.74 -3.11 -16.00
C ALA A 190 3.24 -2.26 -17.15
N ALA A 191 2.60 -2.86 -18.16
CA ALA A 191 2.10 -2.09 -19.28
C ALA A 191 1.03 -1.12 -18.82
N ILE A 192 0.19 -1.55 -17.88
CA ILE A 192 -0.85 -0.68 -17.36
C ILE A 192 -0.26 0.42 -16.53
N LEU A 193 0.67 0.11 -15.67
CA LEU A 193 1.35 1.16 -14.90
C LEU A 193 2.09 2.15 -15.78
N ALA A 194 2.57 1.72 -16.95
CA ALA A 194 3.21 2.65 -17.90
C ALA A 194 2.19 3.59 -18.51
N GLU A 195 0.98 3.11 -18.80
CA GLU A 195 -0.09 3.96 -19.28
C GLU A 195 -0.44 5.03 -18.25
N LEU A 196 -0.58 4.62 -17.00
CA LEU A 196 -0.96 5.54 -15.95
C LEU A 196 0.14 6.58 -15.71
N THR A 197 1.39 6.15 -15.79
CA THR A 197 2.54 7.04 -15.62
C THR A 197 2.65 8.03 -16.79
N ARG A 198 2.44 7.58 -18.04
CA ARG A 198 2.50 8.51 -19.18
C ARG A 198 1.51 9.65 -18.95
N ASP A 199 0.34 9.31 -18.42
CA ASP A 199 -0.74 10.26 -18.27
C ASP A 199 -0.72 11.00 -16.94
N LYS A 200 0.27 10.72 -16.09
CA LYS A 200 0.40 11.35 -14.78
C LYS A 200 -0.84 11.13 -13.92
N VAL A 201 -1.47 9.94 -14.06
CA VAL A 201 -2.56 9.59 -13.15
C VAL A 201 -1.98 9.41 -11.75
N ASP A 202 -2.72 9.87 -10.74
CA ASP A 202 -2.32 9.63 -9.35
C ASP A 202 -2.60 8.18 -9.03
N TRP A 203 -1.57 7.33 -9.14
CA TRP A 203 -1.74 5.88 -8.99
C TRP A 203 -0.84 5.34 -7.91
N GLN A 204 -1.34 4.27 -7.26
CA GLN A 204 -0.57 3.48 -6.31
C GLN A 204 -0.77 2.02 -6.63
N LEU A 205 0.30 1.23 -6.43
CA LEU A 205 0.19 -0.22 -6.43
C LEU A 205 0.52 -0.72 -5.04
N LEU A 206 -0.36 -1.49 -4.44
CA LEU A 206 -0.09 -2.19 -3.19
C LEU A 206 0.01 -3.64 -3.54
N SER A 207 1.21 -4.18 -3.54
N SER A 207 1.23 -4.18 -3.54
CA SER A 207 1.46 -5.57 -3.89
CA SER A 207 1.48 -5.57 -3.87
C SER A 207 1.79 -6.40 -2.66
C SER A 207 1.69 -6.35 -2.58
N HIS A 208 1.09 -7.52 -2.49
CA HIS A 208 1.17 -8.35 -1.28
C HIS A 208 1.97 -9.59 -1.58
N GLY A 209 3.06 -9.79 -0.86
CA GLY A 209 3.85 -10.99 -1.01
C GLY A 209 3.08 -12.23 -0.63
N ASN A 210 3.35 -13.30 -1.38
CA ASN A 210 2.82 -14.64 -1.11
C ASN A 210 1.32 -14.74 -1.25
N VAL A 211 0.71 -13.83 -1.98
CA VAL A 211 -0.73 -13.70 -2.09
C VAL A 211 -1.11 -13.88 -3.56
N VAL A 212 -2.24 -14.58 -3.80
CA VAL A 212 -2.68 -14.98 -5.14
C VAL A 212 -4.04 -14.31 -5.45
N HIS A 213 -4.85 -14.93 -6.31
CA HIS A 213 -6.10 -14.28 -6.75
C HIS A 213 -7.21 -14.53 -5.69
N SER A 214 -8.23 -13.67 -5.73
N SER A 214 -8.22 -13.66 -5.74
CA SER A 214 -9.43 -13.81 -4.88
CA SER A 214 -9.42 -13.78 -4.90
C SER A 214 -9.13 -13.68 -3.39
C SER A 214 -9.11 -13.70 -3.41
N PHE A 215 -8.11 -12.89 -3.05
CA PHE A 215 -7.63 -12.83 -1.67
C PHE A 215 -8.61 -12.15 -0.71
N THR A 216 -9.65 -11.48 -1.22
CA THR A 216 -10.65 -10.89 -0.34
C THR A 216 -11.87 -11.77 -0.14
N ASN A 217 -11.96 -12.87 -0.82
CA ASN A 217 -13.18 -13.67 -0.75
C ASN A 217 -12.93 -14.95 0.05
N PRO A 218 -13.49 -15.09 1.24
CA PRO A 218 -13.22 -16.32 2.00
C PRO A 218 -13.68 -17.58 1.23
N ASP A 219 -14.63 -17.51 0.27
CA ASP A 219 -14.99 -18.72 -0.50
C ASP A 219 -13.83 -19.22 -1.37
N ALA A 220 -12.82 -18.39 -1.59
CA ALA A 220 -11.75 -18.74 -2.52
C ALA A 220 -11.06 -19.99 -2.06
N ASP A 221 -11.04 -20.23 -0.73
CA ASP A 221 -10.30 -21.34 -0.18
C ASP A 221 -10.90 -22.69 -0.57
N ALA A 222 -12.20 -22.71 -0.93
CA ALA A 222 -12.95 -23.93 -1.25
C ALA A 222 -13.05 -24.17 -2.76
N ARG A 223 -12.44 -23.32 -3.58
CA ARG A 223 -12.49 -23.50 -5.03
C ARG A 223 -11.62 -24.64 -5.55
N GLY A 224 -10.73 -25.16 -4.71
CA GLY A 224 -9.88 -26.27 -5.10
C GLY A 224 -8.83 -25.91 -6.09
N ALA A 225 -8.53 -24.62 -6.23
CA ALA A 225 -7.77 -24.17 -7.35
C ALA A 225 -6.50 -23.48 -6.87
N PRO A 226 -5.35 -23.96 -7.35
CA PRO A 226 -4.14 -23.15 -7.28
C PRO A 226 -4.42 -21.82 -7.96
N GLY A 227 -3.86 -20.80 -7.38
CA GLY A 227 -4.14 -19.49 -7.86
C GLY A 227 -5.23 -18.77 -7.11
N PHE A 228 -6.07 -19.43 -6.32
CA PHE A 228 -7.15 -18.78 -5.56
C PHE A 228 -6.97 -19.12 -4.08
N ALA A 229 -6.92 -18.09 -3.22
CA ALA A 229 -6.78 -18.31 -1.75
C ALA A 229 -7.16 -17.02 -1.03
N TYR A 230 -8.03 -17.12 -0.02
CA TYR A 230 -8.28 -15.98 0.86
C TYR A 230 -7.02 -15.64 1.63
N ASN A 231 -6.78 -14.36 1.82
CA ASN A 231 -5.67 -13.95 2.70
C ASN A 231 -6.19 -12.82 3.57
N ALA A 232 -6.35 -13.09 4.87
CA ALA A 232 -7.02 -12.10 5.71
C ALA A 232 -6.18 -10.86 5.86
N GLY A 233 -4.84 -10.98 5.93
CA GLY A 233 -4.01 -9.80 6.06
C GLY A 233 -4.10 -8.92 4.82
N ALA A 234 -3.96 -9.52 3.64
CA ALA A 234 -4.00 -8.73 2.41
C ALA A 234 -5.37 -8.09 2.23
N ASP A 235 -6.43 -8.79 2.62
CA ASP A 235 -7.77 -8.21 2.56
C ASP A 235 -7.83 -6.97 3.46
N ARG A 236 -7.51 -7.13 4.74
CA ARG A 236 -7.58 -6.01 5.69
C ARG A 236 -6.71 -4.82 5.26
N ARG A 237 -5.48 -5.09 4.79
CA ARG A 237 -4.58 -3.99 4.43
C ARG A 237 -5.07 -3.29 3.17
N SER A 238 -5.62 -4.03 2.19
CA SER A 238 -6.13 -3.42 0.97
C SER A 238 -7.40 -2.61 1.24
N TRP A 239 -8.24 -3.13 2.12
CA TRP A 239 -9.46 -2.40 2.47
C TRP A 239 -9.13 -1.10 3.20
N ALA A 240 -8.14 -1.14 4.12
CA ALA A 240 -7.71 0.11 4.78
C ALA A 240 -7.10 1.11 3.83
N ALA A 241 -6.31 0.66 2.83
CA ALA A 241 -5.80 1.59 1.81
C ALA A 241 -6.93 2.20 0.98
N MET A 242 -7.95 1.41 0.60
CA MET A 242 -9.13 1.97 -0.02
C MET A 242 -9.79 3.04 0.81
N GLN A 243 -10.03 2.74 2.09
CA GLN A 243 -10.66 3.72 2.96
C GLN A 243 -9.84 4.99 3.04
N GLY A 244 -8.51 4.88 3.09
CA GLY A 244 -7.70 6.09 3.11
C GLY A 244 -7.86 6.92 1.82
N LEU A 245 -7.88 6.25 0.67
CA LEU A 245 -8.06 6.98 -0.59
C LEU A 245 -9.40 7.70 -0.64
N PHE A 246 -10.46 6.99 -0.24
CA PHE A 246 -11.77 7.62 -0.25
C PHE A 246 -11.82 8.78 0.75
N ALA A 247 -11.18 8.64 1.90
CA ALA A 247 -11.15 9.76 2.83
C ALA A 247 -10.45 10.98 2.26
N GLU A 248 -9.45 10.80 1.40
CA GLU A 248 -8.80 11.94 0.74
C GLU A 248 -9.71 12.61 -0.27
N VAL A 249 -10.35 11.84 -1.15
CA VAL A 249 -11.07 12.46 -2.26
C VAL A 249 -12.40 12.98 -1.83
N PHE A 250 -12.97 12.45 -0.77
CA PHE A 250 -14.28 12.88 -0.33
C PHE A 250 -14.22 13.77 0.90
N ALA A 251 -13.04 14.28 1.25
CA ALA A 251 -12.88 15.23 2.35
C ALA A 251 -13.63 16.55 2.12
N MET B 14 6.18 15.60 26.07
CA MET B 14 7.27 15.00 25.29
C MET B 14 8.65 15.09 25.94
N HIS B 15 9.32 13.96 26.08
CA HIS B 15 10.67 13.91 26.63
C HIS B 15 11.62 13.58 25.50
N GLN B 16 12.68 14.37 25.36
CA GLN B 16 13.74 14.15 24.40
C GLN B 16 15.06 14.01 25.15
N GLN B 17 15.71 12.87 25.03
CA GLN B 17 16.89 12.60 25.83
C GLN B 17 18.01 12.18 24.90
N PRO B 18 19.17 12.84 24.94
CA PRO B 18 20.34 12.36 24.19
C PRO B 18 20.85 11.06 24.80
N ILE B 19 21.34 10.15 23.96
CA ILE B 19 21.94 8.88 24.42
C ILE B 19 23.29 8.75 23.70
N GLU B 20 24.38 8.86 24.46
CA GLU B 20 25.71 8.89 23.87
C GLU B 20 26.37 7.51 23.90
N THR B 21 27.08 7.20 22.81
CA THR B 21 27.92 6.01 22.70
C THR B 21 29.23 6.41 22.06
N THR B 22 30.21 5.50 22.03
CA THR B 22 31.38 5.59 21.15
C THR B 22 31.53 4.34 20.29
N GLU B 23 32.02 4.54 19.08
CA GLU B 23 32.21 3.45 18.14
C GLU B 23 33.62 3.62 17.61
N ASN B 24 34.52 2.71 18.00
N ASN B 24 34.51 2.71 18.01
CA ASN B 24 35.94 2.83 17.67
CA ASN B 24 35.93 2.82 17.69
C ASN B 24 36.52 4.18 18.10
C ASN B 24 36.49 4.20 18.06
N GLY B 25 36.04 4.72 19.22
CA GLY B 25 36.47 6.03 19.69
C GLY B 25 35.67 7.23 19.21
N GLN B 26 34.81 7.09 18.22
CA GLN B 26 34.02 8.22 17.72
C GLN B 26 32.76 8.36 18.59
N ARG B 27 32.48 9.58 19.10
CA ARG B 27 31.26 9.82 19.86
C ARG B 27 30.02 9.92 18.93
N HIS B 28 28.96 9.17 19.27
CA HIS B 28 27.66 9.27 18.60
C HIS B 28 26.62 9.77 19.59
N ILE B 29 25.73 10.63 19.16
CA ILE B 29 24.71 11.22 20.03
C ILE B 29 23.33 10.95 19.41
N HIS B 30 22.74 9.85 19.82
CA HIS B 30 21.41 9.46 19.41
C HIS B 30 20.38 10.26 20.21
N GLN B 31 19.16 10.37 19.68
CA GLN B 31 18.09 11.16 20.31
C GLN B 31 16.85 10.30 20.57
N PHE B 32 16.51 10.10 21.85
CA PHE B 32 15.46 9.19 22.28
C PHE B 32 14.22 10.01 22.64
N PHE B 33 13.05 9.64 22.10
CA PHE B 33 11.81 10.38 22.30
C PHE B 33 10.77 9.47 22.96
N LEU B 34 10.10 10.01 23.99
CA LEU B 34 9.04 9.27 24.68
C LEU B 34 7.98 10.30 25.09
N ASP B 35 6.71 10.00 24.84
CA ASP B 35 5.63 10.93 25.19
C ASP B 35 5.01 10.49 26.50
N GLU B 36 5.10 11.36 27.53
CA GLU B 36 4.60 10.99 28.85
C GLU B 36 3.08 11.01 28.93
N THR B 37 2.43 11.44 27.85
CA THR B 37 0.98 11.31 27.67
C THR B 37 0.54 9.85 27.79
N LEU B 38 1.37 8.92 27.32
CA LEU B 38 1.09 7.49 27.44
C LEU B 38 1.89 6.91 28.58
N GLN B 39 1.33 5.87 29.21
CA GLN B 39 1.87 5.39 30.47
C GLN B 39 2.50 4.00 30.27
N GLY B 40 3.68 3.78 30.85
CA GLY B 40 4.28 2.46 30.93
C GLY B 40 5.18 2.06 29.77
N PRO B 41 5.82 0.89 29.83
CA PRO B 41 6.68 0.47 28.73
C PRO B 41 5.91 0.34 27.42
N ARG B 42 6.60 0.51 26.32
CA ARG B 42 5.94 0.61 25.04
C ARG B 42 6.89 0.10 23.96
N PRO B 43 6.39 -0.18 22.76
CA PRO B 43 7.27 -0.67 21.69
C PRO B 43 8.31 0.38 21.32
N GLY B 44 9.52 -0.10 21.03
CA GLY B 44 10.62 0.77 20.60
C GLY B 44 10.74 0.78 19.08
N VAL B 45 11.08 1.93 18.51
CA VAL B 45 11.28 2.06 17.07
C VAL B 45 12.62 2.73 16.82
N LEU B 46 13.51 2.09 16.08
CA LEU B 46 14.70 2.78 15.56
C LEU B 46 14.32 3.60 14.34
N VAL B 47 14.86 4.81 14.28
CA VAL B 47 14.60 5.70 13.15
C VAL B 47 15.95 6.01 12.50
N PHE B 48 16.21 5.45 11.36
CA PHE B 48 17.46 5.66 10.66
C PHE B 48 17.30 6.76 9.62
N PRO B 49 18.11 7.82 9.65
CA PRO B 49 18.01 8.94 8.69
C PRO B 49 18.58 8.64 7.32
N GLU B 50 18.36 9.58 6.39
CA GLU B 50 19.01 9.53 5.10
C GLU B 50 20.51 9.69 5.27
N ALA B 51 21.22 9.40 4.19
CA ALA B 51 22.67 9.33 4.25
C ALA B 51 23.32 10.63 4.72
N PHE B 52 22.66 11.78 4.57
CA PHE B 52 23.25 13.03 5.04
C PHE B 52 23.52 13.02 6.52
N GLY B 53 22.77 12.24 7.28
CA GLY B 53 22.94 12.15 8.72
C GLY B 53 21.71 12.59 9.47
N LEU B 54 21.81 12.50 10.79
CA LEU B 54 20.69 12.83 11.68
C LEU B 54 20.40 14.32 11.74
N GLY B 55 19.22 14.73 11.30
CA GLY B 55 18.81 16.13 11.36
C GLY B 55 17.32 16.29 11.62
N ASP B 56 16.76 17.46 11.31
CA ASP B 56 15.39 17.75 11.68
C ASP B 56 14.41 16.78 11.03
N HIS B 57 14.67 16.32 9.79
CA HIS B 57 13.75 15.38 9.11
C HIS B 57 13.53 14.16 9.99
N ALA B 58 14.61 13.47 10.33
CA ALA B 58 14.46 12.24 11.10
C ALA B 58 14.05 12.51 12.55
N LEU B 59 14.46 13.64 13.12
CA LEU B 59 14.03 13.95 14.47
C LEU B 59 12.52 14.18 14.53
N GLN B 60 11.96 14.87 13.53
CA GLN B 60 10.51 15.07 13.53
C GLN B 60 9.77 13.75 13.40
N ARG B 61 10.29 12.81 12.62
CA ARG B 61 9.66 11.51 12.49
C ARG B 61 9.67 10.76 13.81
N ALA B 62 10.79 10.82 14.52
CA ALA B 62 10.86 10.16 15.82
C ALA B 62 9.94 10.82 16.84
N ARG B 63 9.85 12.17 16.85
CA ARG B 63 8.91 12.85 17.75
C ARG B 63 7.46 12.45 17.46
N ARG B 64 7.08 12.38 16.19
CA ARG B 64 5.72 11.96 15.89
C ARG B 64 5.48 10.50 16.31
N LEU B 65 6.45 9.61 16.10
CA LEU B 65 6.23 8.24 16.56
C LEU B 65 6.02 8.22 18.08
N ALA B 66 6.73 9.08 18.81
CA ALA B 66 6.51 9.18 20.25
C ALA B 66 5.08 9.63 20.58
N GLU B 67 4.56 10.60 19.83
CA GLU B 67 3.17 11.04 20.00
C GLU B 67 2.17 9.91 19.75
N LEU B 68 2.51 8.94 18.87
CA LEU B 68 1.61 7.83 18.56
C LEU B 68 1.71 6.71 19.58
N GLY B 69 2.63 6.83 20.54
CA GLY B 69 2.74 5.89 21.64
C GLY B 69 3.97 5.03 21.61
N TYR B 70 4.95 5.33 20.76
CA TYR B 70 6.16 4.52 20.66
C TYR B 70 7.33 5.21 21.37
N ALA B 71 8.34 4.40 21.71
CA ALA B 71 9.61 4.93 22.21
C ALA B 71 10.60 4.95 21.03
N ALA B 72 10.96 6.12 20.55
CA ALA B 72 11.64 6.20 19.24
C ALA B 72 13.07 6.69 19.41
N LEU B 73 14.01 5.97 18.80
CA LEU B 73 15.45 6.30 18.93
C LEU B 73 15.91 6.75 17.55
N ALA B 74 16.18 8.06 17.38
CA ALA B 74 16.68 8.59 16.12
C ALA B 74 18.20 8.39 16.10
N VAL B 75 18.73 7.74 15.07
CA VAL B 75 20.09 7.22 15.09
C VAL B 75 21.05 8.26 14.49
N ASP B 76 22.09 8.60 15.26
CA ASP B 76 23.15 9.48 14.77
C ASP B 76 24.13 8.62 13.98
N ILE B 77 23.98 8.57 12.66
CA ILE B 77 24.77 7.64 11.86
C ILE B 77 26.25 8.05 11.76
N HIS B 78 26.54 9.34 11.75
CA HIS B 78 27.91 9.82 11.47
C HIS B 78 28.69 10.14 12.71
N GLY B 79 28.02 10.39 13.82
CA GLY B 79 28.73 10.79 15.02
C GLY B 79 28.61 12.29 15.23
N GLU B 80 28.65 12.70 16.51
CA GLU B 80 28.53 14.12 16.91
C GLU B 80 27.28 14.80 16.39
N GLY B 81 26.23 14.01 16.14
CA GLY B 81 24.99 14.50 15.54
C GLY B 81 25.18 15.17 14.20
N ARG B 82 26.19 14.80 13.41
CA ARG B 82 26.51 15.55 12.19
C ARG B 82 25.52 15.28 11.06
N GLU B 83 25.11 16.36 10.40
CA GLU B 83 24.31 16.27 9.17
C GLU B 83 25.02 17.07 8.11
N PHE B 84 25.37 16.43 7.02
CA PHE B 84 26.09 17.02 5.91
C PHE B 84 25.14 17.56 4.84
N GLN B 85 25.68 18.44 3.97
CA GLN B 85 24.88 19.11 2.95
C GLN B 85 24.88 18.40 1.62
N ASP B 86 25.97 17.70 1.27
CA ASP B 86 26.12 17.08 -0.04
C ASP B 86 26.44 15.61 0.12
N LEU B 87 25.86 14.75 -0.72
CA LEU B 87 26.16 13.32 -0.66
C LEU B 87 27.63 13.05 -0.93
N ALA B 88 28.32 13.93 -1.67
CA ALA B 88 29.77 13.79 -1.80
C ALA B 88 30.49 13.77 -0.45
N GLN B 89 29.96 14.47 0.55
CA GLN B 89 30.62 14.53 1.86
C GLN B 89 30.54 13.20 2.63
N VAL B 90 29.55 12.37 2.32
CA VAL B 90 29.30 11.15 3.07
C VAL B 90 29.56 9.90 2.25
N ARG B 91 29.85 10.02 0.95
CA ARG B 91 30.06 8.86 0.09
C ARG B 91 31.12 7.89 0.58
N PRO B 92 32.30 8.32 1.02
CA PRO B 92 33.29 7.35 1.50
C PRO B 92 32.80 6.53 2.68
N ALA B 93 32.15 7.15 3.67
CA ALA B 93 31.68 6.39 4.83
C ALA B 93 30.62 5.37 4.43
N ILE B 94 29.74 5.74 3.49
CA ILE B 94 28.65 4.84 3.11
C ILE B 94 29.18 3.67 2.30
N LEU B 95 30.07 3.95 1.36
CA LEU B 95 30.65 2.85 0.57
C LEU B 95 31.44 1.89 1.43
N ALA B 96 32.07 2.38 2.50
CA ALA B 96 32.75 1.48 3.42
C ALA B 96 31.79 0.52 4.09
N LEU B 97 30.59 1.01 4.47
CA LEU B 97 29.62 0.11 5.06
C LEU B 97 29.10 -0.86 4.04
N PHE B 98 28.78 -0.36 2.82
CA PHE B 98 28.26 -1.24 1.78
C PHE B 98 29.24 -2.33 1.47
N GLY B 99 30.53 -2.03 1.58
CA GLY B 99 31.59 -2.98 1.31
C GLY B 99 31.93 -3.93 2.44
N ASP B 100 31.39 -3.74 3.63
CA ASP B 100 31.60 -4.67 4.75
C ASP B 100 30.29 -4.80 5.53
N ARG B 101 29.34 -5.56 4.94
CA ARG B 101 28.01 -5.66 5.52
C ARG B 101 28.05 -6.32 6.89
N ALA B 102 29.02 -7.21 7.14
CA ALA B 102 29.10 -7.83 8.46
C ALA B 102 29.43 -6.78 9.54
N ALA B 103 30.38 -5.90 9.25
CA ALA B 103 30.68 -4.83 10.21
C ALA B 103 29.52 -3.86 10.34
N TRP B 104 28.91 -3.47 9.20
CA TRP B 104 27.73 -2.62 9.26
C TRP B 104 26.65 -3.26 10.15
N ARG B 105 26.33 -4.54 9.92
CA ARG B 105 25.29 -5.20 10.71
C ARG B 105 25.63 -5.27 12.19
N ALA B 106 26.90 -5.44 12.53
CA ALA B 106 27.27 -5.48 13.94
C ALA B 106 26.98 -4.15 14.60
N ARG B 107 27.21 -3.03 13.87
CA ARG B 107 26.84 -1.73 14.39
C ARG B 107 25.34 -1.54 14.50
N LEU B 108 24.59 -1.98 13.47
CA LEU B 108 23.15 -1.90 13.54
C LEU B 108 22.57 -2.74 14.69
N GLN B 109 23.09 -3.98 14.91
CA GLN B 109 22.57 -4.78 16.03
C GLN B 109 22.87 -4.10 17.37
N ALA B 110 24.03 -3.46 17.48
CA ALA B 110 24.31 -2.71 18.71
C ALA B 110 23.35 -1.56 18.94
N ALA B 111 22.89 -0.86 17.87
CA ALA B 111 21.89 0.18 18.07
C ALA B 111 20.57 -0.40 18.50
N HIS B 112 20.24 -1.58 17.96
CA HIS B 112 18.99 -2.22 18.37
C HIS B 112 19.04 -2.60 19.83
N GLU B 113 20.16 -3.15 20.28
CA GLU B 113 20.30 -3.52 21.69
C GLU B 113 20.27 -2.27 22.59
N LEU B 114 20.85 -1.16 22.15
CA LEU B 114 20.78 0.09 22.92
C LEU B 114 19.32 0.57 23.11
N LEU B 115 18.51 0.52 22.05
CA LEU B 115 17.07 0.81 22.16
C LEU B 115 16.38 -0.15 23.16
N ARG B 116 16.56 -1.46 22.97
CA ARG B 116 15.92 -2.45 23.85
C ARG B 116 16.22 -2.24 25.32
N ALA B 117 17.39 -1.70 25.61
CA ALA B 117 17.82 -1.61 27.00
C ALA B 117 17.21 -0.42 27.74
N GLN B 118 16.60 0.53 27.05
CA GLN B 118 16.01 1.65 27.76
C GLN B 118 14.84 1.16 28.61
N PRO B 119 14.65 1.71 29.81
N PRO B 119 14.68 1.67 29.83
CA PRO B 119 13.62 1.15 30.70
CA PRO B 119 13.61 1.13 30.70
C PRO B 119 12.20 1.27 30.19
C PRO B 119 12.20 1.23 30.12
N GLN B 120 11.89 2.28 29.39
CA GLN B 120 10.54 2.45 28.87
C GLN B 120 10.30 1.72 27.56
N VAL B 121 11.28 0.98 27.04
CA VAL B 121 11.13 0.18 25.83
C VAL B 121 10.84 -1.25 26.25
N ASP B 122 9.73 -1.80 25.77
CA ASP B 122 9.47 -3.24 25.85
C ASP B 122 10.43 -3.95 24.90
N ALA B 123 11.47 -4.60 25.46
CA ALA B 123 12.51 -5.19 24.64
C ALA B 123 12.01 -6.26 23.69
N ALA B 124 10.83 -6.84 23.95
CA ALA B 124 10.29 -7.84 23.06
C ALA B 124 9.57 -7.26 21.86
N ARG B 125 9.25 -5.97 21.89
CA ARG B 125 8.38 -5.37 20.84
C ARG B 125 9.12 -4.18 20.23
N THR B 126 9.81 -4.42 19.13
CA THR B 126 10.57 -3.37 18.45
C THR B 126 10.33 -3.40 16.94
N ALA B 127 10.68 -2.27 16.34
CA ALA B 127 10.59 -2.07 14.89
C ALA B 127 11.68 -1.12 14.46
N ALA B 128 11.88 -1.04 13.16
CA ALA B 128 12.85 -0.07 12.59
C ALA B 128 12.28 0.54 11.33
N ILE B 129 12.42 1.84 11.22
CA ILE B 129 12.08 2.53 9.97
C ILE B 129 13.32 3.27 9.50
N GLY B 130 13.39 3.54 8.22
CA GLY B 130 14.51 4.28 7.66
C GLY B 130 14.18 4.93 6.34
N PHE B 131 14.88 6.00 6.07
CA PHE B 131 14.65 6.84 4.90
C PHE B 131 15.91 6.80 4.08
N CYS B 132 15.81 6.50 2.80
CA CYS B 132 16.95 6.32 1.90
C CYS B 132 17.95 5.34 2.52
N PHE B 133 19.19 5.78 2.77
CA PHE B 133 20.22 4.86 3.31
C PHE B 133 19.70 4.25 4.60
N GLY B 134 18.93 5.00 5.37
CA GLY B 134 18.35 4.47 6.59
C GLY B 134 17.42 3.28 6.36
N GLY B 135 16.77 3.26 5.21
CA GLY B 135 15.95 2.09 4.88
C GLY B 135 16.80 0.90 4.53
N ALA B 136 17.95 1.12 3.86
CA ALA B 136 18.90 0.03 3.67
C ALA B 136 19.36 -0.51 5.01
N CYS B 137 19.64 0.36 5.98
CA CYS B 137 20.02 -0.07 7.32
C CYS B 137 18.98 -0.95 7.94
N SER B 138 17.71 -0.55 7.82
CA SER B 138 16.65 -1.35 8.44
C SER B 138 16.57 -2.73 7.85
N LEU B 139 16.76 -2.87 6.54
CA LEU B 139 16.68 -4.20 5.95
C LEU B 139 17.93 -5.01 6.29
N GLU B 140 19.12 -4.40 6.37
CA GLU B 140 20.31 -5.14 6.83
C GLU B 140 20.13 -5.63 8.25
N LEU B 141 19.50 -4.84 9.11
CA LEU B 141 19.29 -5.31 10.48
C LEU B 141 18.30 -6.47 10.50
N ALA B 142 17.24 -6.37 9.69
CA ALA B 142 16.32 -7.54 9.59
C ALA B 142 17.05 -8.76 9.08
N ARG B 143 17.88 -8.62 8.05
CA ARG B 143 18.59 -9.75 7.46
C ARG B 143 19.60 -10.37 8.42
N SER B 144 20.11 -9.60 9.38
CA SER B 144 20.95 -10.12 10.48
C SER B 144 20.21 -11.07 11.42
N GLY B 145 18.89 -11.13 11.32
CA GLY B 145 18.09 -11.94 12.20
C GLY B 145 17.63 -11.28 13.46
N ALA B 146 17.75 -9.94 13.58
CA ALA B 146 17.29 -9.30 14.81
C ALA B 146 15.78 -9.49 15.02
N PRO B 147 15.32 -9.53 16.26
CA PRO B 147 13.93 -9.88 16.58
C PRO B 147 13.03 -8.66 16.45
N LEU B 148 13.08 -8.03 15.28
CA LEU B 148 12.19 -6.92 14.93
C LEU B 148 10.84 -7.49 14.57
N SER B 149 9.79 -6.82 15.02
CA SER B 149 8.44 -7.23 14.64
C SER B 149 8.07 -6.68 13.27
N ALA B 150 8.67 -5.57 12.85
CA ALA B 150 8.35 -4.97 11.56
C ALA B 150 9.46 -4.00 11.19
N ILE B 151 9.63 -3.83 9.88
CA ILE B 151 10.47 -2.77 9.33
C ILE B 151 9.66 -2.08 8.27
N VAL B 152 9.88 -0.76 8.15
CA VAL B 152 9.32 0.02 7.04
C VAL B 152 10.43 0.85 6.43
N THR B 153 10.59 0.74 5.11
CA THR B 153 11.59 1.51 4.37
C THR B 153 10.87 2.57 3.54
N PHE B 154 11.44 3.74 3.49
CA PHE B 154 10.90 4.84 2.71
C PHE B 154 11.94 5.27 1.68
N HIS B 155 11.58 5.22 0.40
CA HIS B 155 12.47 5.53 -0.72
C HIS B 155 13.92 5.12 -0.47
N ALA B 156 14.11 3.84 -0.23
CA ALA B 156 15.40 3.31 0.12
C ALA B 156 16.06 2.63 -1.06
N GLY B 157 17.35 2.88 -1.21
CA GLY B 157 18.19 2.06 -2.05
C GLY B 157 18.70 0.85 -1.28
N LEU B 158 17.96 -0.23 -1.42
CA LEU B 158 18.17 -1.46 -0.66
C LEU B 158 19.32 -2.28 -1.23
N GLN B 159 20.10 -2.95 -0.34
CA GLN B 159 21.23 -3.72 -0.82
C GLN B 159 20.80 -5.09 -1.35
N PRO B 160 21.59 -5.69 -2.24
CA PRO B 160 21.14 -6.93 -2.91
C PRO B 160 21.14 -8.11 -1.97
N PRO B 161 20.35 -9.13 -2.27
CA PRO B 161 20.29 -10.29 -1.39
C PRO B 161 21.59 -11.08 -1.36
N LEU B 162 21.80 -11.74 -0.23
CA LEU B 162 22.93 -12.67 0.02
C LEU B 162 22.34 -14.02 0.38
N GLU B 163 22.85 -15.09 -0.27
CA GLU B 163 22.30 -16.43 -0.02
C GLU B 163 22.47 -16.85 1.44
N ALA B 164 23.50 -16.35 2.12
CA ALA B 164 23.69 -16.72 3.52
C ALA B 164 22.61 -16.18 4.45
N ASP B 165 21.83 -15.17 4.01
CA ASP B 165 20.75 -14.61 4.83
C ASP B 165 19.44 -15.37 4.69
N ALA B 166 19.42 -16.49 3.97
CA ALA B 166 18.15 -17.16 3.69
C ALA B 166 17.44 -17.52 5.00
N GLY B 167 16.18 -17.11 5.11
CA GLY B 167 15.37 -17.47 6.26
C GLY B 167 15.65 -16.69 7.53
N LYS B 168 16.52 -15.67 7.48
CA LYS B 168 16.86 -14.95 8.69
C LYS B 168 15.84 -13.88 9.11
N ILE B 169 15.03 -13.32 8.19
CA ILE B 169 14.20 -12.16 8.56
C ILE B 169 13.04 -12.63 9.44
N LYS B 170 12.90 -12.01 10.61
CA LYS B 170 11.76 -12.26 11.51
C LYS B 170 10.68 -11.20 11.38
N ALA B 171 11.02 -10.03 10.85
CA ALA B 171 10.06 -8.93 10.76
C ALA B 171 9.06 -9.09 9.62
N LYS B 172 7.90 -8.47 9.82
CA LYS B 172 7.08 -8.07 8.69
C LYS B 172 7.75 -6.91 7.97
N VAL B 173 7.59 -6.85 6.65
CA VAL B 173 8.34 -5.86 5.84
C VAL B 173 7.37 -5.03 4.99
N LEU B 174 7.49 -3.71 5.04
CA LEU B 174 6.76 -2.81 4.14
C LEU B 174 7.78 -1.94 3.45
N VAL B 175 7.81 -1.95 2.13
CA VAL B 175 8.71 -1.13 1.31
C VAL B 175 7.85 -0.06 0.66
N CYS B 176 8.07 1.19 1.01
CA CYS B 176 7.37 2.33 0.43
C CYS B 176 8.28 2.96 -0.60
N HIS B 177 7.88 2.98 -1.87
CA HIS B 177 8.80 3.13 -2.98
C HIS B 177 8.22 4.14 -3.95
N GLY B 178 9.06 5.03 -4.42
CA GLY B 178 8.68 5.86 -5.59
C GLY B 178 8.87 5.10 -6.90
N ALA B 179 7.82 4.93 -7.72
CA ALA B 179 7.94 4.05 -8.87
C ALA B 179 9.03 4.47 -9.84
N GLU B 180 9.44 5.74 -9.82
CA GLU B 180 10.44 6.25 -10.75
C GLU B 180 11.74 6.54 -10.05
N ASP B 181 11.92 6.07 -8.83
CA ASP B 181 13.11 6.37 -8.06
C ASP B 181 14.32 5.71 -8.72
N PRO B 182 15.31 6.49 -9.18
CA PRO B 182 16.52 5.87 -9.79
C PRO B 182 17.42 5.16 -8.82
N LEU B 183 17.29 5.37 -7.52
N LEU B 183 17.27 5.35 -7.51
CA LEU B 183 18.15 4.70 -6.56
CA LEU B 183 18.15 4.68 -6.56
C LEU B 183 17.61 3.35 -6.13
C LEU B 183 17.63 3.31 -6.17
N MET B 184 16.49 2.90 -6.71
CA MET B 184 15.98 1.56 -6.44
C MET B 184 15.30 1.10 -7.74
N LYS B 185 16.14 0.61 -8.66
CA LYS B 185 15.65 0.28 -9.99
C LYS B 185 14.84 -1.02 -10.00
N PRO B 186 14.02 -1.24 -11.05
CA PRO B 186 13.07 -2.40 -11.03
C PRO B 186 13.76 -3.76 -10.91
N GLU B 187 14.82 -4.04 -11.65
CA GLU B 187 15.43 -5.37 -11.56
C GLU B 187 16.01 -5.63 -10.18
N PRO B 188 16.82 -4.75 -9.58
CA PRO B 188 17.29 -5.06 -8.22
C PRO B 188 16.17 -5.12 -7.21
N LEU B 189 15.10 -4.32 -7.37
CA LEU B 189 14.00 -4.44 -6.41
C LEU B 189 13.33 -5.79 -6.55
N ALA B 190 13.12 -6.26 -7.79
CA ALA B 190 12.53 -7.60 -7.99
C ALA B 190 13.40 -8.69 -7.37
N ALA B 191 14.72 -8.57 -7.42
CA ALA B 191 15.57 -9.60 -6.82
C ALA B 191 15.36 -9.64 -5.30
N ILE B 192 15.15 -8.48 -4.70
CA ILE B 192 14.86 -8.45 -3.26
C ILE B 192 13.49 -9.04 -2.95
N LEU B 193 12.47 -8.70 -3.71
CA LEU B 193 11.15 -9.29 -3.49
C LEU B 193 11.20 -10.80 -3.68
N ALA B 194 12.05 -11.27 -4.60
CA ALA B 194 12.19 -12.72 -4.79
C ALA B 194 12.79 -13.38 -3.55
N GLU B 195 13.75 -12.73 -2.92
CA GLU B 195 14.31 -13.23 -1.64
C GLU B 195 13.21 -13.33 -0.59
N LEU B 196 12.42 -12.26 -0.41
CA LEU B 196 11.38 -12.24 0.61
C LEU B 196 10.32 -13.29 0.31
N THR B 197 9.98 -13.48 -0.95
CA THR B 197 9.02 -14.51 -1.34
C THR B 197 9.53 -15.92 -1.10
N ARG B 198 10.79 -16.19 -1.47
CA ARG B 198 11.33 -17.53 -1.23
C ARG B 198 11.21 -17.87 0.24
N ASP B 199 11.45 -16.90 1.12
CA ASP B 199 11.47 -17.13 2.54
C ASP B 199 10.13 -16.91 3.23
N LYS B 200 9.07 -16.63 2.45
N LYS B 200 9.07 -16.64 2.44
CA LYS B 200 7.74 -16.45 2.99
CA LYS B 200 7.72 -16.43 2.97
C LYS B 200 7.69 -15.35 4.03
C LYS B 200 7.68 -15.34 4.02
N VAL B 201 8.52 -14.31 3.84
CA VAL B 201 8.41 -13.14 4.70
C VAL B 201 7.09 -12.41 4.37
N ASP B 202 6.42 -11.94 5.41
CA ASP B 202 5.20 -11.13 5.24
C ASP B 202 5.61 -9.77 4.72
N TRP B 203 5.52 -9.59 3.40
CA TRP B 203 6.02 -8.37 2.79
C TRP B 203 4.94 -7.69 1.96
N GLN B 204 5.07 -6.35 1.88
CA GLN B 204 4.23 -5.52 1.04
C GLN B 204 5.08 -4.51 0.35
N LEU B 205 4.78 -4.20 -0.91
CA LEU B 205 5.38 -3.09 -1.65
C LEU B 205 4.28 -2.08 -1.93
N LEU B 206 4.44 -0.86 -1.47
CA LEU B 206 3.58 0.26 -1.81
C LEU B 206 4.37 1.12 -2.76
N SER B 207 3.99 1.07 -4.03
N SER B 207 4.02 1.02 -4.04
CA SER B 207 4.68 1.81 -5.08
CA SER B 207 4.65 1.77 -5.14
C SER B 207 3.86 2.99 -5.58
C SER B 207 3.80 2.99 -5.44
N HIS B 208 4.44 4.16 -5.54
CA HIS B 208 3.76 5.43 -5.83
C HIS B 208 4.09 5.91 -7.24
N GLY B 209 3.09 5.99 -8.09
CA GLY B 209 3.29 6.51 -9.42
C GLY B 209 3.81 7.94 -9.39
N ASN B 210 4.69 8.23 -10.35
CA ASN B 210 5.19 9.59 -10.61
C ASN B 210 6.05 10.14 -9.48
N VAL B 211 6.54 9.27 -8.62
CA VAL B 211 7.30 9.67 -7.42
C VAL B 211 8.70 9.12 -7.53
N VAL B 212 9.68 9.93 -7.11
CA VAL B 212 11.11 9.58 -7.15
C VAL B 212 11.72 9.44 -5.75
N HIS B 213 13.01 9.71 -5.61
CA HIS B 213 13.68 9.48 -4.34
C HIS B 213 13.41 10.65 -3.38
N SER B 214 13.55 10.37 -2.10
N SER B 214 13.58 10.38 -2.10
CA SER B 214 13.50 11.37 -1.04
CA SER B 214 13.52 11.40 -1.05
C SER B 214 12.13 12.03 -0.92
C SER B 214 12.13 12.04 -0.95
N PHE B 215 11.06 11.28 -1.20
CA PHE B 215 9.74 11.87 -1.30
C PHE B 215 9.17 12.27 0.04
N THR B 216 9.78 11.87 1.17
CA THR B 216 9.33 12.29 2.51
C THR B 216 10.06 13.52 3.00
N ASN B 217 11.05 14.01 2.26
CA ASN B 217 11.86 15.13 2.76
C ASN B 217 11.59 16.39 1.94
N PRO B 218 10.95 17.41 2.51
CA PRO B 218 10.72 18.67 1.75
C PRO B 218 11.99 19.25 1.16
N ASP B 219 13.14 19.07 1.80
CA ASP B 219 14.42 19.61 1.28
C ASP B 219 14.84 18.94 -0.03
N ALA B 220 14.21 17.82 -0.41
CA ALA B 220 14.56 17.13 -1.64
C ALA B 220 14.32 18.03 -2.86
N ASP B 221 13.30 18.92 -2.81
CA ASP B 221 13.00 19.74 -3.98
C ASP B 221 14.16 20.67 -4.39
N ALA B 222 15.05 21.00 -3.46
CA ALA B 222 16.18 21.90 -3.70
C ALA B 222 17.50 21.18 -3.89
N ARG B 223 17.52 19.87 -3.89
CA ARG B 223 18.82 19.20 -4.01
C ARG B 223 19.34 19.25 -5.45
N GLY B 224 20.65 19.50 -5.60
CA GLY B 224 21.18 19.64 -6.94
C GLY B 224 21.32 18.35 -7.71
N ALA B 225 21.32 17.20 -7.02
CA ALA B 225 21.48 15.90 -7.65
C ALA B 225 20.15 15.50 -8.30
N PRO B 226 20.18 14.71 -9.39
CA PRO B 226 18.93 14.31 -10.05
C PRO B 226 18.19 13.19 -9.32
N GLY B 227 16.89 13.12 -9.58
CA GLY B 227 16.03 12.04 -9.07
C GLY B 227 15.45 12.26 -7.69
N PHE B 228 15.40 13.51 -7.20
CA PHE B 228 14.95 13.82 -5.85
C PHE B 228 13.78 14.78 -5.93
N ALA B 229 12.70 14.48 -5.20
CA ALA B 229 11.58 15.43 -5.13
C ALA B 229 10.71 15.02 -3.94
N TYR B 230 10.27 15.98 -3.15
CA TYR B 230 9.25 15.72 -2.14
C TYR B 230 7.90 15.41 -2.78
N ASN B 231 7.12 14.56 -2.17
CA ASN B 231 5.76 14.33 -2.67
C ASN B 231 4.87 14.15 -1.44
N ALA B 232 4.04 15.16 -1.17
CA ALA B 232 3.28 15.16 0.06
C ALA B 232 2.32 14.00 0.13
N GLY B 233 1.68 13.65 -0.98
CA GLY B 233 0.76 12.54 -0.99
C GLY B 233 1.46 11.24 -0.65
N ALA B 234 2.57 10.94 -1.34
CA ALA B 234 3.28 9.69 -1.12
C ALA B 234 3.77 9.62 0.32
N ASP B 235 4.19 10.77 0.87
CA ASP B 235 4.64 10.79 2.26
C ASP B 235 3.47 10.40 3.19
N ARG B 236 2.34 11.12 3.06
CA ARG B 236 1.19 10.82 3.93
C ARG B 236 0.74 9.37 3.79
N ARG B 237 0.56 8.89 2.55
CA ARG B 237 0.07 7.52 2.35
C ARG B 237 1.06 6.47 2.93
N SER B 238 2.38 6.67 2.74
CA SER B 238 3.35 5.74 3.27
C SER B 238 3.38 5.77 4.79
N TRP B 239 3.27 6.98 5.36
CA TRP B 239 3.24 7.09 6.81
C TRP B 239 2.01 6.42 7.40
N ALA B 240 0.87 6.54 6.74
CA ALA B 240 -0.33 5.82 7.20
C ALA B 240 -0.15 4.31 7.07
N ALA B 241 0.46 3.81 6.00
CA ALA B 241 0.65 2.37 5.87
C ALA B 241 1.61 1.84 6.97
N MET B 242 2.63 2.64 7.31
CA MET B 242 3.50 2.30 8.43
C MET B 242 2.68 2.16 9.72
N GLN B 243 1.88 3.17 10.03
CA GLN B 243 1.08 3.15 11.25
C GLN B 243 0.19 1.94 11.29
N GLY B 244 -0.40 1.57 10.15
CA GLY B 244 -1.24 0.38 10.11
C GLY B 244 -0.46 -0.88 10.41
N LEU B 245 0.74 -1.02 9.85
CA LEU B 245 1.57 -2.21 10.15
C LEU B 245 1.94 -2.29 11.62
N PHE B 246 2.36 -1.17 12.18
CA PHE B 246 2.70 -1.13 13.60
C PHE B 246 1.48 -1.44 14.47
N ALA B 247 0.30 -0.93 14.11
CA ALA B 247 -0.87 -1.25 14.90
C ALA B 247 -1.14 -2.75 14.88
N GLU B 248 -0.87 -3.42 13.76
CA GLU B 248 -1.07 -4.86 13.68
C GLU B 248 -0.12 -5.61 14.63
N VAL B 249 1.18 -5.25 14.62
CA VAL B 249 2.17 -6.08 15.30
C VAL B 249 2.28 -5.72 16.77
N PHE B 250 1.79 -4.55 17.14
CA PHE B 250 1.84 -4.09 18.53
C PHE B 250 0.44 -3.99 19.12
N ALA B 251 -0.49 -4.82 18.63
CA ALA B 251 -1.84 -4.89 19.19
C ALA B 251 -1.94 -5.86 20.35
#